data_6F4I
#
_entry.id   6F4I
#
_cell.length_a   52.309
_cell.length_b   119.653
_cell.length_c   122.812
_cell.angle_alpha   90.00
_cell.angle_beta   90.00
_cell.angle_gamma   90.00
#
_symmetry.space_group_name_H-M   'P 21 21 21'
#
loop_
_entity.id
_entity.type
_entity.pdbx_description
1 polymer 'U1 small nuclear ribonucleoprotein A'
2 water water
#
_entity_poly.entity_id   1
_entity_poly.type   'polypeptide(L)'
_entity_poly.pdbx_seq_one_letter_code
;GAMEMLPNQTIYINNLNEKIKKEELKKSLYAIFSQFGQILDIVALKTLKMRGQAFVIFKEIGSASNALRTMQGFPFYDKP
MQIAYSKSDSDIVAKIKG
;
_entity_poly.pdbx_strand_id   A,B,C,D,E,F
#
# COMPACT_ATOMS: atom_id res chain seq x y z
N MET A 5 -14.28 2.10 -10.93
CA MET A 5 -13.48 2.94 -11.84
C MET A 5 -12.22 2.22 -12.31
N LEU A 6 -12.17 1.93 -13.62
CA LEU A 6 -11.09 1.09 -14.16
C LEU A 6 -9.80 1.85 -14.10
N PRO A 7 -8.73 1.12 -13.80
CA PRO A 7 -7.44 1.79 -13.81
C PRO A 7 -7.11 2.33 -15.20
N ASN A 8 -6.38 3.45 -15.16
CA ASN A 8 -5.73 3.94 -16.38
C ASN A 8 -4.41 4.61 -16.03
N GLN A 9 -3.67 5.03 -17.04
CA GLN A 9 -2.27 5.41 -16.84
C GLN A 9 -2.14 6.76 -16.15
N THR A 10 -3.22 7.53 -16.04
CA THR A 10 -3.08 8.88 -15.49
C THR A 10 -3.77 8.99 -14.15
N ILE A 11 -3.05 9.45 -13.15
CA ILE A 11 -3.68 9.77 -11.86
C ILE A 11 -3.93 11.26 -11.72
N TYR A 12 -5.08 11.55 -11.12
CA TYR A 12 -5.52 12.91 -10.85
C TYR A 12 -5.39 13.16 -9.37
N ILE A 13 -4.64 14.21 -9.02
CA ILE A 13 -4.35 14.50 -7.60
C ILE A 13 -4.98 15.82 -7.20
N ASN A 14 -5.71 15.83 -6.09
CA ASN A 14 -6.11 17.14 -5.56
C ASN A 14 -5.81 17.28 -4.08
N ASN A 15 -6.24 18.42 -3.51
CA ASN A 15 -5.83 18.81 -2.18
C ASN A 15 -4.33 19.11 -2.09
N LEU A 16 -3.76 19.56 -3.21
CA LEU A 16 -2.36 20.00 -3.24
C LEU A 16 -2.22 21.41 -2.66
N ASN A 17 -1.08 21.63 -2.05
CA ASN A 17 -0.78 22.93 -1.42
C ASN A 17 -0.60 24.01 -2.47
N GLU A 18 -1.53 24.97 -2.50
CA GLU A 18 -1.53 25.98 -3.52
C GLU A 18 -0.49 27.07 -3.30
N LYS A 19 0.19 27.08 -2.16
CA LYS A 19 1.25 28.07 -1.90
C LYS A 19 2.52 27.74 -2.66
N ILE A 20 2.62 26.52 -3.18
CA ILE A 20 3.86 26.11 -3.81
C ILE A 20 3.85 26.54 -5.28
N LYS A 21 4.93 27.16 -5.73
CA LYS A 21 5.10 27.51 -7.15
C LYS A 21 5.02 26.25 -8.01
N LYS A 22 4.43 26.36 -9.19
CA LYS A 22 4.15 25.14 -9.99
C LYS A 22 5.40 24.44 -10.47
N GLU A 23 6.44 25.19 -10.83
CA GLU A 23 7.68 24.53 -11.26
C GLU A 23 8.23 23.62 -10.14
N GLU A 24 8.22 24.14 -8.92
CA GLU A 24 8.68 23.39 -7.76
C GLU A 24 7.74 22.20 -7.48
N LEU A 25 6.44 22.46 -7.51
CA LEU A 25 5.44 21.40 -7.22
C LEU A 25 5.65 20.21 -8.16
N LYS A 26 5.91 20.51 -9.44
CA LYS A 26 6.08 19.43 -10.42
C LYS A 26 7.36 18.62 -10.16
N LYS A 27 8.44 19.32 -9.80
CA LYS A 27 9.68 18.62 -9.47
C LYS A 27 9.51 17.77 -8.21
N SER A 28 8.80 18.28 -7.22
CA SER A 28 8.55 17.51 -6.01
C SER A 28 7.62 16.32 -6.26
N LEU A 29 6.66 16.49 -7.14
CA LEU A 29 5.79 15.34 -7.51
C LEU A 29 6.65 14.27 -8.20
N TYR A 30 7.54 14.65 -9.11
CA TYR A 30 8.40 13.67 -9.72
C TYR A 30 9.24 12.95 -8.66
N ALA A 31 9.76 13.69 -7.69
CA ALA A 31 10.58 13.11 -6.62
C ALA A 31 9.87 11.94 -5.90
N ILE A 32 8.58 12.10 -5.63
CA ILE A 32 7.85 11.05 -4.94
C ILE A 32 7.19 9.99 -5.82
N PHE A 33 6.85 10.33 -7.06
CA PHE A 33 6.12 9.38 -7.90
C PHE A 33 7.04 8.58 -8.83
N SER A 34 8.28 9.01 -9.03
CA SER A 34 9.13 8.34 -10.02
C SER A 34 9.43 6.88 -9.63
N GLN A 35 9.35 6.57 -8.33
CA GLN A 35 9.60 5.19 -7.87
C GLN A 35 8.60 4.20 -8.46
N PHE A 36 7.41 4.66 -8.87
CA PHE A 36 6.37 3.70 -9.31
C PHE A 36 6.56 3.21 -10.76
N GLY A 37 7.37 3.93 -11.53
CA GLY A 37 7.71 3.53 -12.87
C GLY A 37 7.90 4.76 -13.74
N GLN A 38 8.13 4.54 -15.02
CA GLN A 38 8.39 5.66 -15.95
C GLN A 38 7.22 6.66 -16.00
N ILE A 39 7.53 7.95 -15.84
CA ILE A 39 6.52 9.02 -15.91
C ILE A 39 6.64 9.70 -17.26
N LEU A 40 5.53 9.79 -17.99
CA LEU A 40 5.54 10.47 -19.28
C LEU A 40 5.37 11.97 -19.15
N ASP A 41 4.59 12.40 -18.16
CA ASP A 41 4.37 13.84 -17.99
C ASP A 41 3.75 14.12 -16.63
N ILE A 42 3.93 15.36 -16.17
CA ILE A 42 3.24 15.86 -14.99
C ILE A 42 2.67 17.20 -15.40
N VAL A 43 1.38 17.43 -15.11
CA VAL A 43 0.70 18.64 -15.51
C VAL A 43 0.16 19.31 -14.24
N ALA A 44 0.55 20.57 -14.00
CA ALA A 44 -0.01 21.34 -12.88
C ALA A 44 0.04 22.80 -13.30
N LEU A 45 -1.07 23.37 -13.69
CA LEU A 45 -1.09 24.72 -14.22
C LEU A 45 -1.45 25.75 -13.15
N LYS A 46 -1.06 27.01 -13.33
N LYS A 46 -0.96 26.99 -13.32
CA LYS A 46 -1.41 28.01 -12.33
CA LYS A 46 -1.41 28.09 -12.48
C LYS A 46 -2.71 28.76 -12.72
C LYS A 46 -2.60 28.72 -13.18
N THR A 47 -3.72 28.01 -13.14
CA THR A 47 -4.98 28.58 -13.56
C THR A 47 -5.97 28.36 -12.45
N LEU A 48 -7.03 29.17 -12.41
CA LEU A 48 -8.08 28.99 -11.42
C LEU A 48 -8.65 27.56 -11.45
N LYS A 49 -8.94 27.04 -12.64
CA LYS A 49 -9.50 25.70 -12.83
C LYS A 49 -8.61 24.59 -12.26
N MET A 50 -7.31 24.82 -12.21
CA MET A 50 -6.38 23.79 -11.73
C MET A 50 -5.84 24.04 -10.33
N ARG A 51 -6.39 25.01 -9.59
N ARG A 51 -6.39 25.01 -9.59
CA ARG A 51 -5.93 25.21 -8.22
CA ARG A 51 -5.89 25.24 -8.23
C ARG A 51 -5.95 23.91 -7.41
C ARG A 51 -5.96 23.98 -7.36
N GLY A 52 -4.83 23.63 -6.75
CA GLY A 52 -4.73 22.46 -5.87
C GLY A 52 -4.71 21.12 -6.55
N GLN A 53 -4.50 21.10 -7.86
CA GLN A 53 -4.67 19.87 -8.67
C GLN A 53 -3.49 19.60 -9.58
N ALA A 54 -3.28 18.32 -9.89
CA ALA A 54 -2.24 17.94 -10.86
C ALA A 54 -2.60 16.60 -11.49
N PHE A 55 -1.95 16.31 -12.62
CA PHE A 55 -2.05 14.98 -13.24
C PHE A 55 -0.65 14.44 -13.37
N VAL A 56 -0.49 13.15 -13.08
CA VAL A 56 0.77 12.44 -13.35
C VAL A 56 0.44 11.38 -14.35
N ILE A 57 1.07 11.39 -15.51
CA ILE A 57 0.76 10.42 -16.54
C ILE A 57 1.90 9.41 -16.55
N PHE A 58 1.61 8.17 -16.16
CA PHE A 58 2.59 7.08 -16.20
C PHE A 58 2.61 6.38 -17.56
N LYS A 59 3.75 5.82 -17.89
CA LYS A 59 3.80 4.96 -19.08
C LYS A 59 2.88 3.74 -18.94
N GLU A 60 2.91 3.10 -17.79
CA GLU A 60 2.18 1.84 -17.58
C GLU A 60 0.99 2.05 -16.63
N ILE A 61 -0.15 1.43 -16.97
CA ILE A 61 -1.30 1.50 -16.10
C ILE A 61 -0.97 0.93 -14.72
N GLY A 62 -0.21 -0.18 -14.67
CA GLY A 62 0.09 -0.77 -13.39
C GLY A 62 0.83 0.20 -12.47
N SER A 63 1.70 1.03 -13.06
CA SER A 63 2.39 2.03 -12.25
C SER A 63 1.42 3.02 -11.61
N ALA A 64 0.45 3.48 -12.40
CA ALA A 64 -0.58 4.38 -11.87
C ALA A 64 -1.32 3.69 -10.71
N SER A 65 -1.70 2.41 -10.89
CA SER A 65 -2.35 1.72 -9.80
C SER A 65 -1.51 1.66 -8.53
N ASN A 66 -0.26 1.26 -8.65
CA ASN A 66 0.60 1.11 -7.47
C ASN A 66 0.78 2.50 -6.80
N ALA A 67 0.91 3.55 -7.63
CA ALA A 67 1.08 4.93 -7.13
C ALA A 67 -0.18 5.31 -6.33
N LEU A 68 -1.36 5.08 -6.91
CA LEU A 68 -2.63 5.43 -6.28
CA LEU A 68 -2.60 5.45 -6.29
C LEU A 68 -2.79 4.69 -4.96
N ARG A 69 -2.54 3.38 -4.97
CA ARG A 69 -2.74 2.65 -3.75
C ARG A 69 -1.70 2.92 -2.65
N THR A 70 -0.50 3.30 -3.04
CA THR A 70 0.54 3.51 -2.05
C THR A 70 0.49 4.93 -1.45
N MET A 71 0.24 5.93 -2.29
CA MET A 71 0.47 7.32 -1.88
C MET A 71 -0.84 8.01 -1.49
N GLN A 72 -1.96 7.31 -1.55
CA GLN A 72 -3.24 7.86 -1.11
C GLN A 72 -3.14 8.49 0.30
N GLY A 73 -3.42 9.79 0.42
CA GLY A 73 -3.34 10.44 1.71
C GLY A 73 -1.96 10.87 2.18
N PHE A 74 -0.92 10.65 1.39
CA PHE A 74 0.40 10.98 1.83
C PHE A 74 0.49 12.51 2.04
N PRO A 75 1.02 12.95 3.19
CA PRO A 75 1.06 14.40 3.47
C PRO A 75 2.25 15.02 2.74
N PHE A 76 1.94 15.78 1.70
CA PHE A 76 2.87 16.35 0.76
C PHE A 76 2.79 17.85 0.97
N TYR A 77 3.92 18.49 1.31
CA TYR A 77 3.87 19.87 1.79
C TYR A 77 2.80 19.96 2.89
N ASP A 78 2.81 18.97 3.77
CA ASP A 78 1.96 18.93 4.96
C ASP A 78 0.45 18.99 4.64
N LYS A 79 0.06 18.42 3.49
CA LYS A 79 -1.35 18.27 3.13
C LYS A 79 -1.56 16.89 2.50
N PRO A 80 -2.51 16.13 3.02
CA PRO A 80 -2.76 14.78 2.47
C PRO A 80 -3.23 14.81 1.02
N MET A 81 -2.50 14.15 0.12
CA MET A 81 -2.92 14.04 -1.27
C MET A 81 -4.18 13.18 -1.41
N GLN A 82 -5.10 13.64 -2.24
CA GLN A 82 -6.25 12.80 -2.62
C GLN A 82 -6.01 12.38 -4.05
N ILE A 83 -5.96 11.07 -4.30
CA ILE A 83 -5.62 10.57 -5.61
C ILE A 83 -6.74 9.71 -6.19
N ALA A 84 -7.00 9.89 -7.48
CA ALA A 84 -7.99 9.09 -8.21
C ALA A 84 -7.45 8.77 -9.59
N TYR A 85 -7.93 7.70 -10.27
CA TYR A 85 -7.59 7.58 -11.68
C TYR A 85 -8.31 8.69 -12.43
N SER A 86 -7.73 9.12 -13.54
CA SER A 86 -8.39 10.10 -14.38
C SER A 86 -9.70 9.50 -14.90
N LYS A 87 -10.73 10.31 -15.09
CA LYS A 87 -12.01 9.72 -15.47
C LYS A 87 -12.11 9.46 -16.96
N SER A 88 -11.41 10.25 -17.78
CA SER A 88 -11.46 10.08 -19.23
C SER A 88 -10.38 10.93 -19.89
N ASP A 89 -10.10 10.61 -21.16
CA ASP A 89 -9.18 11.38 -22.00
C ASP A 89 -9.59 12.83 -22.08
N SER A 90 -10.90 13.07 -22.03
CA SER A 90 -11.40 14.44 -22.15
C SER A 90 -11.14 15.24 -20.88
N ASP A 91 -10.67 14.57 -19.82
CA ASP A 91 -10.50 15.19 -18.50
C ASP A 91 -9.40 16.19 -18.32
N ILE A 92 -8.21 15.84 -18.77
CA ILE A 92 -7.10 16.75 -18.68
C ILE A 92 -7.51 17.91 -19.53
N VAL A 93 -7.97 17.58 -20.73
CA VAL A 93 -8.25 18.59 -21.73
C VAL A 93 -9.22 19.62 -21.20
N ALA A 94 -10.29 19.16 -20.54
CA ALA A 94 -11.24 20.04 -19.90
C ALA A 94 -10.54 20.97 -18.91
N LYS A 95 -9.61 20.41 -18.12
CA LYS A 95 -8.84 21.22 -17.18
C LYS A 95 -7.82 22.11 -17.88
N ILE A 96 -7.57 21.78 -19.16
CA ILE A 96 -6.51 22.36 -20.00
C ILE A 96 -5.13 22.04 -19.47
N LEU B 6 20.23 7.50 19.12
CA LEU B 6 20.14 8.59 20.10
C LEU B 6 19.56 9.88 19.55
N PRO B 7 18.29 10.18 19.90
CA PRO B 7 17.51 11.22 19.21
C PRO B 7 18.12 12.62 19.26
N ASN B 8 18.04 13.29 18.11
CA ASN B 8 18.63 14.60 17.93
C ASN B 8 17.69 15.36 17.03
N GLN B 9 17.70 16.69 17.07
CA GLN B 9 16.79 17.46 16.20
C GLN B 9 17.15 17.38 14.72
N THR B 10 18.37 16.94 14.42
CA THR B 10 18.83 16.85 13.02
C THR B 10 18.96 15.42 12.51
N ILE B 11 18.34 15.15 11.37
CA ILE B 11 18.55 13.87 10.70
C ILE B 11 19.57 13.98 9.60
N TYR B 12 20.36 12.91 9.44
CA TYR B 12 21.36 12.79 8.39
C TYR B 12 20.87 11.76 7.39
N ILE B 13 20.80 12.13 6.12
CA ILE B 13 20.24 11.26 5.07
C ILE B 13 21.33 10.99 4.06
N ASN B 14 21.44 9.72 3.66
CA ASN B 14 22.30 9.40 2.53
C ASN B 14 21.62 8.42 1.61
N ASN B 15 22.38 7.94 0.64
CA ASN B 15 21.81 7.26 -0.52
C ASN B 15 20.91 8.19 -1.33
N LEU B 16 21.17 9.50 -1.33
CA LEU B 16 20.38 10.41 -2.14
C LEU B 16 20.88 10.44 -3.58
N ASN B 17 19.96 10.78 -4.49
CA ASN B 17 20.26 10.85 -5.90
C ASN B 17 21.17 12.05 -6.18
N GLU B 18 22.41 11.78 -6.59
CA GLU B 18 23.46 12.78 -6.75
CA GLU B 18 23.40 12.84 -6.71
C GLU B 18 23.25 13.63 -8.01
N LYS B 19 22.41 13.15 -8.92
CA LYS B 19 22.13 13.88 -10.16
C LYS B 19 21.19 15.09 -10.00
N ILE B 20 20.50 15.19 -8.87
CA ILE B 20 19.52 16.26 -8.70
C ILE B 20 20.23 17.55 -8.30
N LYS B 21 19.89 18.66 -8.95
CA LYS B 21 20.45 19.97 -8.54
C LYS B 21 20.12 20.24 -7.06
N LYS B 22 21.06 20.79 -6.30
CA LYS B 22 20.85 20.92 -4.87
C LYS B 22 19.64 21.80 -4.47
N GLU B 23 19.39 22.89 -5.22
CA GLU B 23 18.28 23.76 -4.86
C GLU B 23 16.98 22.97 -5.00
N GLU B 24 16.85 22.15 -6.05
CA GLU B 24 15.67 21.32 -6.25
C GLU B 24 15.61 20.24 -5.16
N LEU B 25 16.76 19.61 -4.88
CA LEU B 25 16.80 18.55 -3.86
C LEU B 25 16.28 19.03 -2.50
N LYS B 26 16.72 20.23 -2.11
CA LYS B 26 16.31 20.73 -0.82
C LYS B 26 14.80 21.00 -0.81
N LYS B 27 14.27 21.55 -1.89
CA LYS B 27 12.81 21.81 -1.97
C LYS B 27 12.01 20.50 -1.93
N SER B 28 12.50 19.47 -2.62
CA SER B 28 11.79 18.20 -2.62
C SER B 28 11.88 17.56 -1.24
N LEU B 29 13.02 17.70 -0.56
CA LEU B 29 13.13 17.20 0.81
C LEU B 29 12.13 17.93 1.72
N TYR B 30 12.00 19.25 1.59
CA TYR B 30 10.99 19.93 2.38
C TYR B 30 9.58 19.41 2.10
N ALA B 31 9.31 19.12 0.82
CA ALA B 31 7.98 18.65 0.42
C ALA B 31 7.58 17.39 1.21
N ILE B 32 8.53 16.50 1.42
CA ILE B 32 8.21 15.25 2.11
C ILE B 32 8.45 15.25 3.62
N PHE B 33 9.29 16.18 4.14
CA PHE B 33 9.57 16.15 5.56
C PHE B 33 8.80 17.18 6.37
N SER B 34 8.20 18.14 5.69
CA SER B 34 7.55 19.22 6.47
C SER B 34 6.31 18.72 7.28
N GLN B 35 5.75 17.58 6.87
CA GLN B 35 4.66 16.99 7.66
C GLN B 35 5.03 16.68 9.11
N PHE B 36 6.31 16.48 9.37
CA PHE B 36 6.73 16.01 10.71
C PHE B 36 6.88 17.10 11.73
N GLY B 37 6.96 18.35 11.27
CA GLY B 37 7.11 19.48 12.17
C GLY B 37 7.82 20.61 11.51
N GLN B 38 8.03 21.69 12.27
CA GLN B 38 8.75 22.82 11.75
C GLN B 38 10.17 22.44 11.35
N ILE B 39 10.59 22.80 10.15
CA ILE B 39 11.97 22.57 9.72
C ILE B 39 12.73 23.90 9.83
N LEU B 40 13.85 23.90 10.54
CA LEU B 40 14.72 25.09 10.60
C LEU B 40 15.50 25.27 9.30
N ASP B 41 16.05 24.18 8.77
CA ASP B 41 16.80 24.25 7.54
C ASP B 41 17.15 22.89 7.00
N ILE B 42 17.66 22.96 5.77
CA ILE B 42 18.08 21.76 5.07
C ILE B 42 19.40 22.09 4.45
N VAL B 43 20.39 21.23 4.71
CA VAL B 43 21.75 21.45 4.21
C VAL B 43 22.06 20.34 3.21
N ALA B 44 22.45 20.73 1.99
CA ALA B 44 22.85 19.77 0.96
C ALA B 44 23.82 20.46 0.01
N LEU B 45 25.11 20.17 0.11
CA LEU B 45 26.12 20.82 -0.74
C LEU B 45 26.59 19.95 -1.89
N LYS B 46 26.92 20.56 -3.02
CA LYS B 46 27.61 19.86 -4.10
C LYS B 46 29.13 19.89 -3.88
N THR B 47 29.59 19.14 -2.89
CA THR B 47 31.02 18.97 -2.64
C THR B 47 31.27 17.48 -2.55
N LEU B 48 32.54 17.10 -2.64
CA LEU B 48 32.93 15.73 -2.52
C LEU B 48 32.41 15.10 -1.24
N LYS B 49 32.64 15.77 -0.13
CA LYS B 49 32.28 15.24 1.19
C LYS B 49 30.78 15.06 1.41
N MET B 50 29.96 15.81 0.67
CA MET B 50 28.52 15.71 0.82
C MET B 50 27.82 15.05 -0.36
N ARG B 51 28.56 14.33 -1.21
CA ARG B 51 27.92 13.67 -2.35
C ARG B 51 26.85 12.70 -1.86
N GLY B 52 25.63 12.83 -2.37
CA GLY B 52 24.57 11.90 -2.01
C GLY B 52 24.04 12.05 -0.59
N GLN B 53 24.30 13.20 0.06
CA GLN B 53 23.96 13.34 1.48
C GLN B 53 23.24 14.65 1.79
N ALA B 54 22.46 14.68 2.88
CA ALA B 54 21.82 15.94 3.30
C ALA B 54 21.52 15.86 4.78
N PHE B 55 21.29 17.03 5.39
CA PHE B 55 20.81 17.12 6.76
C PHE B 55 19.50 17.89 6.76
N VAL B 56 18.54 17.39 7.53
CA VAL B 56 17.32 18.15 7.80
C VAL B 56 17.26 18.47 9.28
N ILE B 57 17.27 19.77 9.60
CA ILE B 57 17.24 20.23 10.99
C ILE B 57 15.81 20.62 11.37
N PHE B 58 15.21 19.84 12.28
CA PHE B 58 13.87 20.13 12.80
C PHE B 58 14.02 21.02 14.02
N LYS B 59 12.98 21.82 14.29
CA LYS B 59 12.97 22.59 15.51
C LYS B 59 12.92 21.67 16.74
N GLU B 60 12.14 20.59 16.62
CA GLU B 60 11.88 19.68 17.73
C GLU B 60 12.44 18.28 17.49
N ILE B 61 13.02 17.70 18.54
CA ILE B 61 13.52 16.32 18.50
C ILE B 61 12.41 15.32 18.18
N GLY B 62 11.21 15.51 18.73
CA GLY B 62 10.12 14.60 18.44
C GLY B 62 9.79 14.54 16.96
N SER B 63 9.91 15.67 16.27
CA SER B 63 9.68 15.69 14.83
C SER B 63 10.76 14.91 14.07
N ALA B 64 12.02 15.11 14.44
CA ALA B 64 13.11 14.33 13.85
C ALA B 64 12.93 12.81 14.04
N SER B 65 12.49 12.40 15.23
CA SER B 65 12.26 10.97 15.50
CA SER B 65 12.25 10.96 15.48
C SER B 65 11.17 10.40 14.61
N ASN B 66 10.06 11.12 14.50
CA ASN B 66 8.95 10.65 13.66
C ASN B 66 9.35 10.63 12.20
N ALA B 67 10.14 11.62 11.77
CA ALA B 67 10.65 11.65 10.40
C ALA B 67 11.50 10.44 10.09
N LEU B 68 12.44 10.15 10.98
CA LEU B 68 13.36 9.06 10.76
C LEU B 68 12.60 7.73 10.71
N ARG B 69 11.70 7.52 11.68
CA ARG B 69 10.97 6.24 11.75
C ARG B 69 10.09 6.08 10.53
N THR B 70 9.43 7.16 10.11
CA THR B 70 8.43 7.06 9.05
C THR B 70 9.04 6.93 7.68
N MET B 71 10.14 7.68 7.45
CA MET B 71 10.67 7.79 6.11
C MET B 71 11.85 6.90 5.82
N GLN B 72 12.27 6.09 6.79
CA GLN B 72 13.38 5.16 6.61
C GLN B 72 13.11 4.25 5.40
N GLY B 73 14.02 4.26 4.42
CA GLY B 73 13.81 3.47 3.22
C GLY B 73 12.88 4.02 2.15
N PHE B 74 12.29 5.19 2.37
CA PHE B 74 11.35 5.74 1.38
C PHE B 74 12.03 6.09 0.08
N PRO B 75 11.55 5.53 -1.04
CA PRO B 75 12.15 5.87 -2.34
C PRO B 75 11.88 7.32 -2.82
N PHE B 76 12.94 8.10 -2.90
CA PHE B 76 12.92 9.53 -3.15
C PHE B 76 13.82 9.67 -4.39
N TYR B 77 13.29 10.27 -5.46
CA TYR B 77 13.95 10.24 -6.77
C TYR B 77 14.42 8.79 -7.06
N ASP B 78 13.51 7.85 -6.77
CA ASP B 78 13.69 6.42 -7.09
C ASP B 78 14.93 5.78 -6.44
N LYS B 79 15.29 6.28 -5.25
CA LYS B 79 16.35 5.70 -4.41
C LYS B 79 15.86 5.67 -2.97
N PRO B 80 15.89 4.50 -2.32
CA PRO B 80 15.44 4.39 -0.92
C PRO B 80 16.35 5.17 0.07
N MET B 81 15.79 6.14 0.78
CA MET B 81 16.60 6.99 1.71
C MET B 81 17.12 6.21 2.89
N GLN B 82 18.33 6.52 3.33
CA GLN B 82 18.91 5.94 4.55
C GLN B 82 19.03 7.08 5.54
N ILE B 83 18.42 6.93 6.71
CA ILE B 83 18.27 8.07 7.66
C ILE B 83 18.85 7.69 9.01
N ALA B 84 19.65 8.56 9.60
CA ALA B 84 20.21 8.39 10.94
C ALA B 84 20.10 9.72 11.64
N TYR B 85 20.18 9.70 12.98
CA TYR B 85 20.31 10.96 13.73
C TYR B 85 21.72 11.51 13.56
N SER B 86 21.85 12.82 13.50
CA SER B 86 23.14 13.45 13.57
C SER B 86 23.61 13.31 15.03
N LYS B 87 24.91 13.41 15.28
CA LYS B 87 25.40 13.44 16.66
C LYS B 87 25.33 14.85 17.27
N SER B 88 25.68 15.85 16.48
CA SER B 88 25.57 17.22 16.95
C SER B 88 25.77 18.14 15.77
N ASP B 89 25.76 19.44 16.06
CA ASP B 89 25.98 20.46 15.07
C ASP B 89 27.35 20.32 14.38
N SER B 90 28.27 19.72 15.13
CA SER B 90 29.62 19.48 14.67
C SER B 90 29.64 18.59 13.45
N ASP B 91 28.67 17.67 13.36
CA ASP B 91 28.60 16.76 12.21
C ASP B 91 28.35 17.59 10.94
N ILE B 92 27.62 18.70 11.10
CA ILE B 92 27.34 19.51 9.92
C ILE B 92 28.59 20.30 9.53
N VAL B 93 29.16 21.02 10.49
CA VAL B 93 30.45 21.65 10.28
C VAL B 93 31.51 20.78 9.60
N ALA B 94 31.70 19.54 10.09
CA ALA B 94 32.67 18.62 9.51
C ALA B 94 32.34 18.40 8.03
N LYS B 95 31.05 18.20 7.73
CA LYS B 95 30.64 17.97 6.35
C LYS B 95 30.77 19.16 5.39
N ILE B 96 30.64 20.37 5.91
CA ILE B 96 30.65 21.53 5.02
C ILE B 96 32.00 22.22 5.02
N LYS B 97 32.86 21.81 5.93
CA LYS B 97 34.15 22.49 6.02
C LYS B 97 34.93 22.18 4.76
N MET C 5 -18.79 -4.80 -16.48
CA MET C 5 -18.76 -6.26 -16.47
C MET C 5 -18.66 -6.84 -15.05
N LEU C 6 -19.35 -7.96 -14.85
CA LEU C 6 -19.41 -8.59 -13.54
C LEU C 6 -18.21 -9.47 -13.22
N PRO C 7 -17.87 -9.58 -11.94
CA PRO C 7 -16.77 -10.49 -11.54
C PRO C 7 -17.01 -11.95 -11.99
N ASN C 8 -15.92 -12.66 -12.23
CA ASN C 8 -16.01 -14.10 -12.47
C ASN C 8 -14.80 -14.77 -11.82
N GLN C 9 -14.66 -16.09 -11.98
CA GLN C 9 -13.69 -16.84 -11.16
C GLN C 9 -12.23 -16.68 -11.67
N THR C 10 -12.07 -16.13 -12.86
CA THR C 10 -10.76 -16.07 -13.48
C THR C 10 -10.27 -14.63 -13.61
N ILE C 11 -9.05 -14.39 -13.15
CA ILE C 11 -8.48 -13.06 -13.33
C ILE C 11 -7.48 -13.10 -14.46
N TYR C 12 -7.44 -12.04 -15.24
CA TYR C 12 -6.49 -11.89 -16.31
C TYR C 12 -5.43 -10.87 -15.88
N ILE C 13 -4.17 -11.31 -15.92
CA ILE C 13 -3.05 -10.46 -15.49
C ILE C 13 -2.19 -10.12 -16.68
N ASN C 14 -1.91 -8.82 -16.83
CA ASN C 14 -0.91 -8.46 -17.82
C ASN C 14 0.10 -7.47 -17.25
N ASN C 15 0.95 -6.97 -18.13
CA ASN C 15 2.16 -6.26 -17.68
C ASN C 15 3.11 -7.21 -16.93
N LEU C 16 3.12 -8.51 -17.29
CA LEU C 16 4.03 -9.43 -16.65
C LEU C 16 5.43 -9.42 -17.29
N ASN C 17 6.44 -9.77 -16.49
CA ASN C 17 7.81 -9.84 -16.94
C ASN C 17 7.97 -11.06 -17.87
N GLU C 18 8.18 -10.75 -19.15
CA GLU C 18 8.23 -11.76 -20.19
C GLU C 18 9.58 -12.50 -20.21
N LYS C 19 10.56 -12.02 -19.45
CA LYS C 19 11.80 -12.78 -19.35
C LYS C 19 11.77 -14.01 -18.46
N ILE C 20 10.75 -14.14 -17.62
CA ILE C 20 10.71 -15.26 -16.67
C ILE C 20 10.20 -16.53 -17.37
N LYS C 21 10.87 -17.67 -17.14
CA LYS C 21 10.36 -18.92 -17.70
C LYS C 21 8.95 -19.17 -17.16
N LYS C 22 8.09 -19.73 -18.00
CA LYS C 22 6.68 -19.87 -17.64
C LYS C 22 6.47 -20.79 -16.45
N GLU C 23 7.24 -21.87 -16.33
CA GLU C 23 7.06 -22.77 -15.20
C GLU C 23 7.32 -22.04 -13.89
N GLU C 24 8.38 -21.21 -13.88
CA GLU C 24 8.72 -20.43 -12.70
C GLU C 24 7.69 -19.32 -12.44
N LEU C 25 7.26 -18.70 -13.51
CA LEU C 25 6.26 -17.61 -13.41
C LEU C 25 4.99 -18.14 -12.70
N LYS C 26 4.53 -19.34 -13.14
CA LYS C 26 3.36 -19.94 -12.52
C LYS C 26 3.56 -20.27 -11.07
N LYS C 27 4.70 -20.84 -10.70
CA LYS C 27 4.90 -21.11 -9.28
C LYS C 27 4.94 -19.82 -8.44
N SER C 28 5.58 -18.79 -8.96
CA SER C 28 5.64 -17.52 -8.25
C SER C 28 4.25 -16.86 -8.16
N LEU C 29 3.44 -16.98 -9.22
CA LEU C 29 2.05 -16.49 -9.13
C LEU C 29 1.26 -17.22 -8.04
N TYR C 30 1.44 -18.54 -7.99
CA TYR C 30 0.75 -19.32 -6.96
C TYR C 30 1.19 -18.82 -5.59
N ALA C 31 2.49 -18.54 -5.43
CA ALA C 31 3.00 -18.09 -4.13
C ALA C 31 2.25 -16.85 -3.65
N ILE C 32 1.94 -15.94 -4.57
CA ILE C 32 1.30 -14.71 -4.13
C ILE C 32 -0.23 -14.74 -4.14
N PHE C 33 -0.85 -15.62 -4.97
CA PHE C 33 -2.32 -15.59 -5.06
C PHE C 33 -2.99 -16.67 -4.28
N SER C 34 -2.23 -17.66 -3.79
CA SER C 34 -2.89 -18.74 -3.03
C SER C 34 -3.59 -18.26 -1.74
N GLN C 35 -3.14 -17.15 -1.17
CA GLN C 35 -3.83 -16.61 0.01
C GLN C 35 -5.29 -16.30 -0.22
N PHE C 36 -5.69 -16.09 -1.47
CA PHE C 36 -7.09 -15.65 -1.69
C PHE C 36 -8.08 -16.77 -1.77
N GLY C 37 -7.59 -18.00 -1.86
CA GLY C 37 -8.50 -19.14 -1.92
C GLY C 37 -7.94 -20.20 -2.83
N GLN C 38 -8.71 -21.26 -2.99
CA GLN C 38 -8.30 -22.37 -3.82
C GLN C 38 -8.13 -21.97 -5.26
N ILE C 39 -6.96 -22.31 -5.85
CA ILE C 39 -6.67 -22.05 -7.24
C ILE C 39 -6.81 -23.35 -8.03
N LEU C 40 -7.64 -23.31 -9.07
CA LEU C 40 -7.81 -24.50 -9.93
C LEU C 40 -6.62 -24.67 -10.84
N ASP C 41 -6.18 -23.57 -11.45
CA ASP C 41 -5.01 -23.62 -12.32
C ASP C 41 -4.51 -22.19 -12.63
N ILE C 42 -3.35 -22.15 -13.26
CA ILE C 42 -2.73 -20.91 -13.73
C ILE C 42 -2.29 -21.20 -15.14
N VAL C 43 -2.73 -20.35 -16.04
CA VAL C 43 -2.43 -20.51 -17.46
C VAL C 43 -1.51 -19.36 -17.86
N ALA C 44 -0.34 -19.70 -18.39
CA ALA C 44 0.60 -18.68 -18.86
C ALA C 44 1.30 -19.24 -20.07
N LEU C 45 0.76 -18.92 -21.23
CA LEU C 45 1.23 -19.55 -22.43
C LEU C 45 2.41 -18.86 -23.07
N LYS C 46 3.29 -19.62 -23.71
N LYS C 46 3.10 -19.69 -23.82
CA LYS C 46 4.46 -19.03 -24.35
CA LYS C 46 4.37 -19.44 -24.44
C LYS C 46 4.24 -18.69 -25.83
C LYS C 46 4.19 -18.96 -25.90
N THR C 47 2.99 -18.49 -26.22
CA THR C 47 2.67 -18.05 -27.58
C THR C 47 2.81 -16.53 -27.75
N LEU C 48 2.81 -16.10 -29.00
CA LEU C 48 3.01 -14.68 -29.33
C LEU C 48 1.89 -13.81 -28.77
N LYS C 49 0.67 -14.29 -28.91
N LYS C 49 0.64 -14.21 -28.90
CA LYS C 49 -0.56 -13.66 -28.42
CA LYS C 49 -0.44 -13.36 -28.39
C LYS C 49 -0.53 -13.41 -26.91
C LYS C 49 -0.71 -13.55 -26.89
N MET C 50 0.16 -14.31 -26.21
CA MET C 50 0.09 -14.38 -24.76
C MET C 50 1.28 -13.75 -24.04
N ARG C 51 2.20 -13.07 -24.76
CA ARG C 51 3.40 -12.53 -24.13
C ARG C 51 2.99 -11.57 -23.03
N GLY C 52 3.65 -11.67 -21.87
CA GLY C 52 3.37 -10.77 -20.75
C GLY C 52 2.02 -10.96 -20.06
N GLN C 53 1.37 -12.11 -20.28
CA GLN C 53 -0.02 -12.31 -19.81
C GLN C 53 -0.24 -13.65 -19.16
N ALA C 54 -1.12 -13.70 -18.17
CA ALA C 54 -1.46 -14.97 -17.49
C ALA C 54 -2.90 -14.93 -16.99
N PHE C 55 -3.51 -16.11 -16.77
CA PHE C 55 -4.79 -16.18 -16.12
C PHE C 55 -4.65 -17.01 -14.82
N VAL C 56 -5.30 -16.56 -13.74
CA VAL C 56 -5.40 -17.36 -12.52
C VAL C 56 -6.86 -17.71 -12.37
N ILE C 57 -7.15 -19.01 -12.37
CA ILE C 57 -8.53 -19.50 -12.31
C ILE C 57 -8.76 -19.96 -10.88
N PHE C 58 -9.55 -19.20 -10.11
CA PHE C 58 -9.91 -19.56 -8.72
C PHE C 58 -11.14 -20.48 -8.78
N LYS C 59 -11.28 -21.31 -7.76
CA LYS C 59 -12.50 -22.08 -7.60
C LYS C 59 -13.71 -21.15 -7.40
N GLU C 60 -13.53 -20.10 -6.61
CA GLU C 60 -14.65 -19.25 -6.22
C GLU C 60 -14.53 -17.82 -6.73
N ILE C 61 -15.66 -17.21 -7.10
CA ILE C 61 -15.66 -15.84 -7.61
C ILE C 61 -15.15 -14.84 -6.56
N GLY C 62 -15.52 -15.09 -5.31
CA GLY C 62 -15.11 -14.23 -4.23
C GLY C 62 -13.61 -14.13 -4.06
N SER C 63 -12.92 -15.25 -4.24
CA SER C 63 -11.45 -15.25 -4.20
C SER C 63 -10.88 -14.37 -5.30
N ALA C 64 -11.37 -14.54 -6.54
CA ALA C 64 -10.93 -13.72 -7.67
C ALA C 64 -11.11 -12.22 -7.40
N SER C 65 -12.25 -11.89 -6.85
CA SER C 65 -12.59 -10.52 -6.52
C SER C 65 -11.66 -9.95 -5.44
N ASN C 66 -11.39 -10.71 -4.39
CA ASN C 66 -10.46 -10.25 -3.35
C ASN C 66 -9.03 -10.13 -3.91
N ALA C 67 -8.66 -11.05 -4.80
CA ALA C 67 -7.31 -11.09 -5.38
C ALA C 67 -7.11 -9.84 -6.24
N LEU C 68 -8.09 -9.51 -7.08
CA LEU C 68 -8.00 -8.35 -7.96
C LEU C 68 -7.89 -7.07 -7.14
N ARG C 69 -8.78 -6.92 -6.15
CA ARG C 69 -8.80 -5.72 -5.30
C ARG C 69 -7.45 -5.58 -4.57
N THR C 70 -6.96 -6.68 -4.03
CA THR C 70 -5.79 -6.66 -3.10
C THR C 70 -4.47 -6.46 -3.87
N MET C 71 -4.36 -7.08 -5.06
CA MET C 71 -3.06 -7.16 -5.74
C MET C 71 -2.90 -6.20 -6.92
N GLN C 72 -3.93 -5.41 -7.19
CA GLN C 72 -3.87 -4.46 -8.30
C GLN C 72 -2.61 -3.58 -8.19
N GLY C 73 -1.80 -3.55 -9.24
CA GLY C 73 -0.58 -2.74 -9.28
C GLY C 73 0.58 -3.27 -8.50
N PHE C 74 0.46 -4.46 -7.88
CA PHE C 74 1.56 -4.95 -7.05
C PHE C 74 2.79 -5.37 -7.91
N PRO C 75 4.00 -4.85 -7.57
CA PRO C 75 5.16 -5.20 -8.38
C PRO C 75 5.58 -6.68 -8.19
N PHE C 76 5.76 -7.37 -9.31
CA PHE C 76 6.01 -8.80 -9.37
C PHE C 76 7.10 -8.99 -10.42
N TYR C 77 8.25 -9.53 -10.01
CA TYR C 77 9.45 -9.51 -10.87
C TYR C 77 9.67 -8.07 -11.36
N ASP C 78 9.49 -7.14 -10.43
CA ASP C 78 9.83 -5.74 -10.66
C ASP C 78 8.98 -5.06 -11.73
N LYS C 79 7.73 -5.53 -11.93
CA LYS C 79 6.79 -4.85 -12.81
C LYS C 79 5.41 -4.85 -12.14
N PRO C 80 4.74 -3.66 -12.07
CA PRO C 80 3.44 -3.63 -11.39
C PRO C 80 2.35 -4.38 -12.19
N MET C 81 1.68 -5.32 -11.51
CA MET C 81 0.68 -6.16 -12.20
C MET C 81 -0.53 -5.36 -12.59
N GLN C 82 -1.12 -5.66 -13.75
CA GLN C 82 -2.41 -5.09 -14.15
C GLN C 82 -3.40 -6.24 -14.14
N ILE C 83 -4.48 -6.10 -13.40
CA ILE C 83 -5.38 -7.23 -13.18
C ILE C 83 -6.78 -6.84 -13.57
N ALA C 84 -7.46 -7.71 -14.34
CA ALA C 84 -8.84 -7.50 -14.71
C ALA C 84 -9.59 -8.81 -14.67
N TYR C 85 -10.90 -8.76 -14.79
CA TYR C 85 -11.65 -10.01 -14.93
C TYR C 85 -11.57 -10.50 -16.33
N SER C 86 -11.53 -11.82 -16.48
CA SER C 86 -11.47 -12.39 -17.82
CA SER C 86 -11.50 -12.43 -17.80
C SER C 86 -12.72 -12.01 -18.61
N LYS C 87 -12.51 -11.74 -19.90
CA LYS C 87 -13.57 -11.36 -20.82
C LYS C 87 -13.29 -12.02 -22.17
N GLY D 1 10.17 -4.67 23.87
CA GLY D 1 9.12 -4.96 24.84
C GLY D 1 7.77 -4.41 24.40
N ALA D 2 6.80 -4.44 25.31
CA ALA D 2 5.42 -4.03 25.02
C ALA D 2 5.26 -2.58 24.54
N MET D 3 5.91 -1.62 25.22
CA MET D 3 5.70 -0.21 24.89
C MET D 3 6.26 0.14 23.53
N GLU D 4 7.37 -0.52 23.18
CA GLU D 4 7.99 -0.22 21.91
C GLU D 4 7.43 -1.02 20.73
N MET D 5 6.69 -2.09 20.99
CA MET D 5 5.97 -2.77 19.91
C MET D 5 4.66 -2.05 19.60
N LEU D 6 4.08 -1.39 20.61
CA LEU D 6 2.78 -0.73 20.44
C LEU D 6 2.64 0.08 19.13
N PRO D 7 3.62 0.96 18.81
CA PRO D 7 3.39 1.75 17.58
C PRO D 7 3.39 0.91 16.28
N ASN D 8 4.18 -0.16 16.27
CA ASN D 8 4.21 -1.09 15.16
C ASN D 8 2.98 -2.01 15.04
N GLN D 9 2.23 -2.13 16.14
CA GLN D 9 1.01 -2.89 16.15
C GLN D 9 -0.21 -2.04 15.80
N THR D 10 -0.03 -0.72 15.72
CA THR D 10 -1.15 0.20 15.64
C THR D 10 -1.21 0.91 14.31
N ILE D 11 -2.37 0.92 13.67
CA ILE D 11 -2.54 1.78 12.51
C ILE D 11 -3.36 2.98 12.95
N TYR D 12 -3.00 4.13 12.40
CA TYR D 12 -3.74 5.37 12.65
C TYR D 12 -4.51 5.71 11.41
N ILE D 13 -5.82 5.92 11.58
CA ILE D 13 -6.65 6.23 10.44
C ILE D 13 -7.14 7.65 10.53
N ASN D 14 -6.91 8.38 9.46
CA ASN D 14 -7.34 9.77 9.35
C ASN D 14 -8.38 9.89 8.25
N ASN D 15 -8.97 11.10 8.14
CA ASN D 15 -9.99 11.37 7.15
C ASN D 15 -11.30 10.63 7.43
N LEU D 16 -11.59 10.37 8.71
CA LEU D 16 -12.84 9.73 9.03
C LEU D 16 -14.01 10.69 9.00
N ASN D 17 -15.18 10.08 8.83
CA ASN D 17 -16.41 10.84 8.88
C ASN D 17 -16.76 11.22 10.33
N GLU D 18 -16.63 12.52 10.62
CA GLU D 18 -16.78 12.99 11.98
C GLU D 18 -18.27 13.04 12.41
N LYS D 19 -19.19 12.92 11.45
CA LYS D 19 -20.64 12.83 11.72
C LYS D 19 -21.09 11.53 12.42
N ILE D 20 -20.36 10.44 12.21
CA ILE D 20 -20.72 9.15 12.79
C ILE D 20 -20.43 9.07 14.28
N LYS D 21 -21.41 8.58 15.03
CA LYS D 21 -21.27 8.36 16.46
CA LYS D 21 -21.28 8.35 16.45
C LYS D 21 -20.11 7.41 16.70
N LYS D 22 -19.26 7.74 17.69
CA LYS D 22 -18.03 6.96 17.89
C LYS D 22 -18.29 5.49 18.24
N GLU D 23 -19.31 5.23 19.05
CA GLU D 23 -19.65 3.84 19.36
C GLU D 23 -19.88 3.00 18.10
N GLU D 24 -20.65 3.54 17.17
CA GLU D 24 -20.93 2.87 15.92
C GLU D 24 -19.66 2.78 15.04
N LEU D 25 -18.89 3.88 15.01
CA LEU D 25 -17.70 3.95 14.19
C LEU D 25 -16.74 2.84 14.58
N LYS D 26 -16.61 2.59 15.88
CA LYS D 26 -15.65 1.60 16.35
C LYS D 26 -16.09 0.20 15.95
N LYS D 27 -17.40 -0.06 16.02
CA LYS D 27 -17.91 -1.38 15.63
C LYS D 27 -17.74 -1.59 14.12
N SER D 28 -18.01 -0.54 13.33
CA SER D 28 -17.82 -0.62 11.87
C SER D 28 -16.35 -0.78 11.49
N LEU D 29 -15.44 -0.18 12.26
CA LEU D 29 -14.00 -0.43 12.05
C LEU D 29 -13.62 -1.87 12.31
N TYR D 30 -14.17 -2.43 13.39
CA TYR D 30 -13.91 -3.83 13.69
C TYR D 30 -14.42 -4.71 12.55
N ALA D 31 -15.57 -4.34 12.00
CA ALA D 31 -16.19 -5.13 10.91
C ALA D 31 -15.20 -5.26 9.73
N ILE D 32 -14.51 -4.17 9.37
CA ILE D 32 -13.62 -4.23 8.22
C ILE D 32 -12.20 -4.66 8.55
N PHE D 33 -11.72 -4.43 9.78
CA PHE D 33 -10.31 -4.76 10.11
C PHE D 33 -10.06 -6.13 10.78
N SER D 34 -11.14 -6.78 11.26
CA SER D 34 -10.92 -8.01 12.00
C SER D 34 -10.37 -9.11 11.08
N GLN D 35 -10.62 -9.05 9.76
CA GLN D 35 -10.06 -10.02 8.84
C GLN D 35 -8.52 -10.09 8.89
N PHE D 36 -7.86 -9.03 9.39
CA PHE D 36 -6.39 -9.02 9.28
C PHE D 36 -5.70 -9.72 10.43
N GLY D 37 -6.41 -9.94 11.54
CA GLY D 37 -5.85 -10.60 12.70
C GLY D 37 -6.57 -10.17 13.96
N GLN D 38 -6.12 -10.70 15.09
CA GLN D 38 -6.70 -10.37 16.38
C GLN D 38 -6.52 -8.87 16.60
N ILE D 39 -7.62 -8.24 17.03
CA ILE D 39 -7.60 -6.84 17.39
C ILE D 39 -7.61 -6.73 18.93
N LEU D 40 -6.67 -5.95 19.48
CA LEU D 40 -6.59 -5.73 20.89
C LEU D 40 -7.46 -4.57 21.37
N ASP D 41 -7.56 -3.51 20.56
CA ASP D 41 -8.37 -2.34 20.90
C ASP D 41 -8.62 -1.45 19.69
N ILE D 42 -9.68 -0.67 19.75
CA ILE D 42 -9.95 0.34 18.76
C ILE D 42 -10.36 1.56 19.55
N VAL D 43 -9.71 2.67 19.24
CA VAL D 43 -9.95 3.89 19.99
C VAL D 43 -10.37 4.95 19.02
N ALA D 44 -11.48 5.63 19.34
CA ALA D 44 -11.88 6.71 18.48
C ALA D 44 -12.54 7.70 19.41
N LEU D 45 -11.72 8.53 20.04
CA LEU D 45 -12.18 9.48 21.05
C LEU D 45 -13.20 10.43 20.45
N LYS D 46 -14.09 10.90 21.35
CA LYS D 46 -15.26 11.72 21.03
C LYS D 46 -14.91 13.20 21.12
N THR D 47 -13.72 13.48 21.67
CA THR D 47 -13.20 14.84 21.77
C THR D 47 -13.15 15.54 20.40
N LEU D 48 -13.65 16.78 20.36
CA LEU D 48 -13.72 17.59 19.14
C LEU D 48 -12.43 17.59 18.29
N LYS D 49 -11.29 17.80 18.95
CA LYS D 49 -9.99 17.87 18.28
C LYS D 49 -9.58 16.55 17.65
N MET D 50 -9.90 15.46 18.34
CA MET D 50 -9.43 14.12 17.99
C MET D 50 -10.41 13.28 17.18
N ARG D 51 -11.44 13.94 16.64
CA ARG D 51 -12.32 13.27 15.69
C ARG D 51 -11.59 13.24 14.36
N GLY D 52 -12.24 12.68 13.34
CA GLY D 52 -11.56 12.50 12.07
C GLY D 52 -10.44 11.46 12.13
N GLN D 53 -10.09 11.01 13.34
CA GLN D 53 -8.99 10.05 13.53
C GLN D 53 -9.36 8.92 14.47
N ALA D 54 -8.83 7.73 14.21
CA ALA D 54 -9.03 6.57 15.07
C ALA D 54 -7.77 5.75 15.03
N PHE D 55 -7.62 4.84 15.96
CA PHE D 55 -6.58 3.88 15.75
C PHE D 55 -6.97 2.46 16.15
N VAL D 56 -6.35 1.52 15.46
CA VAL D 56 -6.68 0.11 15.65
C VAL D 56 -5.41 -0.54 16.07
N ILE D 57 -5.44 -1.22 17.21
CA ILE D 57 -4.27 -1.92 17.71
C ILE D 57 -4.42 -3.42 17.50
N PHE D 58 -3.52 -3.97 16.70
CA PHE D 58 -3.55 -5.42 16.45
C PHE D 58 -2.63 -6.14 17.40
N LYS D 59 -2.89 -7.43 17.62
CA LYS D 59 -1.94 -8.25 18.38
C LYS D 59 -0.58 -8.35 17.65
N GLU D 60 -0.60 -8.59 16.34
CA GLU D 60 0.62 -8.83 15.54
C GLU D 60 0.98 -7.67 14.63
N ILE D 61 2.27 -7.32 14.57
CA ILE D 61 2.69 -6.24 13.66
C ILE D 61 2.36 -6.55 12.22
N GLY D 62 2.44 -7.83 11.85
CA GLY D 62 2.13 -8.23 10.49
C GLY D 62 0.67 -7.94 10.10
N SER D 63 -0.24 -8.06 11.06
CA SER D 63 -1.65 -7.76 10.80
C SER D 63 -1.83 -6.29 10.56
N ALA D 64 -1.15 -5.45 11.35
CA ALA D 64 -1.25 -4.00 11.15
C ALA D 64 -0.72 -3.63 9.76
N SER D 65 0.39 -4.25 9.38
CA SER D 65 1.01 -4.03 8.08
CA SER D 65 0.98 -3.96 8.08
C SER D 65 0.08 -4.40 6.93
N ASN D 66 -0.46 -5.61 7.02
CA ASN D 66 -1.35 -6.07 5.98
CA ASN D 66 -1.39 -6.16 5.99
C ASN D 66 -2.64 -5.27 5.89
N ALA D 67 -3.12 -4.83 7.05
CA ALA D 67 -4.34 -3.99 7.15
C ALA D 67 -4.14 -2.65 6.42
N LEU D 68 -3.03 -1.98 6.71
CA LEU D 68 -2.71 -0.74 6.03
C LEU D 68 -2.61 -0.93 4.49
N ARG D 69 -1.82 -1.91 4.03
N ARG D 69 -1.82 -1.93 4.09
CA ARG D 69 -1.63 -2.18 2.59
CA ARG D 69 -1.60 -2.31 2.69
C ARG D 69 -2.95 -2.54 1.89
C ARG D 69 -2.93 -2.51 1.95
N THR D 70 -3.78 -3.29 2.56
CA THR D 70 -4.99 -3.74 1.91
C THR D 70 -6.05 -2.64 1.86
N MET D 71 -6.20 -1.91 2.97
CA MET D 71 -7.35 -1.01 3.13
C MET D 71 -7.09 0.46 2.80
N GLN D 72 -5.88 0.77 2.35
CA GLN D 72 -5.53 2.15 2.11
C GLN D 72 -6.46 2.75 1.06
N GLY D 73 -6.98 3.92 1.38
CA GLY D 73 -7.91 4.65 0.53
C GLY D 73 -9.32 4.06 0.45
N PHE D 74 -9.61 2.99 1.18
CA PHE D 74 -10.95 2.43 1.11
C PHE D 74 -12.02 3.41 1.64
N PRO D 75 -13.10 3.62 0.86
CA PRO D 75 -14.11 4.61 1.28
C PRO D 75 -15.01 4.04 2.39
N PHE D 76 -14.90 4.61 3.57
CA PHE D 76 -15.56 4.16 4.80
C PHE D 76 -16.52 5.27 5.19
N TYR D 77 -17.81 4.93 5.34
CA TYR D 77 -18.84 5.98 5.34
C TYR D 77 -18.60 7.01 4.21
N ASP D 78 -18.29 6.50 3.03
CA ASP D 78 -18.06 7.34 1.84
C ASP D 78 -16.91 8.39 2.01
N LYS D 79 -15.86 8.04 2.74
CA LYS D 79 -14.67 8.91 2.85
C LYS D 79 -13.48 7.99 2.80
N PRO D 80 -12.58 8.23 1.83
CA PRO D 80 -11.40 7.32 1.75
C PRO D 80 -10.53 7.36 3.00
N MET D 81 -10.27 6.20 3.60
CA MET D 81 -9.44 6.18 4.79
C MET D 81 -8.00 6.55 4.43
N GLN D 82 -7.40 7.35 5.27
CA GLN D 82 -5.97 7.65 5.05
C GLN D 82 -5.24 6.96 6.21
N ILE D 83 -4.57 5.83 5.91
CA ILE D 83 -4.02 4.96 6.95
C ILE D 83 -2.49 5.16 7.07
N ALA D 84 -1.99 5.24 8.29
CA ALA D 84 -0.55 5.39 8.55
C ALA D 84 -0.11 4.67 9.82
N TYR D 85 1.20 4.48 10.01
CA TYR D 85 1.65 4.08 11.34
C TYR D 85 1.83 5.35 12.18
N SER D 86 2.18 5.17 13.46
CA SER D 86 2.42 6.26 14.42
C SER D 86 3.02 7.56 13.87
N LEU E 6 -31.49 -9.48 -15.08
CA LEU E 6 -30.83 -9.67 -13.80
C LEU E 6 -30.72 -8.37 -12.95
N PRO E 7 -30.04 -7.32 -13.47
CA PRO E 7 -29.70 -6.20 -12.57
C PRO E 7 -30.88 -5.44 -11.96
N ASN E 8 -30.77 -5.10 -10.68
CA ASN E 8 -31.73 -4.17 -10.09
C ASN E 8 -31.18 -3.46 -8.87
N GLN E 9 -32.02 -2.65 -8.25
CA GLN E 9 -31.55 -1.69 -7.25
C GLN E 9 -31.17 -2.31 -5.91
N THR E 10 -31.56 -3.57 -5.70
CA THR E 10 -31.35 -4.18 -4.42
C THR E 10 -30.37 -5.35 -4.53
N ILE E 11 -29.43 -5.38 -3.61
CA ILE E 11 -28.52 -6.53 -3.55
C ILE E 11 -28.88 -7.45 -2.39
N TYR E 12 -28.74 -8.75 -2.66
CA TYR E 12 -28.90 -9.82 -1.66
C TYR E 12 -27.53 -10.32 -1.21
N ILE E 13 -27.28 -10.19 0.09
CA ILE E 13 -25.97 -10.60 0.67
C ILE E 13 -26.17 -11.79 1.61
N ASN E 14 -25.36 -12.80 1.44
CA ASN E 14 -25.34 -13.88 2.42
C ASN E 14 -23.92 -14.31 2.76
N ASN E 15 -23.82 -15.40 3.51
CA ASN E 15 -22.57 -15.75 4.19
C ASN E 15 -22.12 -14.69 5.19
N LEU E 16 -23.08 -13.96 5.77
CA LEU E 16 -22.72 -13.02 6.82
C LEU E 16 -22.47 -13.75 8.15
N ASN E 17 -21.60 -13.17 8.95
CA ASN E 17 -21.27 -13.69 10.27
C ASN E 17 -22.51 -13.61 11.18
N GLU E 18 -23.10 -14.75 11.54
CA GLU E 18 -24.38 -14.71 12.24
C GLU E 18 -24.27 -14.39 13.71
N LYS E 19 -23.03 -14.24 14.20
CA LYS E 19 -22.82 -13.93 15.60
C LYS E 19 -22.94 -12.42 15.90
N ILE E 20 -23.01 -11.60 14.86
CA ILE E 20 -23.08 -10.14 15.08
C ILE E 20 -24.54 -9.73 15.32
N LYS E 21 -24.77 -8.90 16.33
CA LYS E 21 -26.13 -8.41 16.56
C LYS E 21 -26.64 -7.68 15.32
N LYS E 22 -27.94 -7.84 15.06
CA LYS E 22 -28.51 -7.32 13.81
C LYS E 22 -28.44 -5.78 13.66
N GLU E 23 -28.69 -5.02 14.74
CA GLU E 23 -28.60 -3.57 14.62
C GLU E 23 -27.17 -3.12 14.27
N GLU E 24 -26.19 -3.77 14.88
CA GLU E 24 -24.79 -3.51 14.53
C GLU E 24 -24.48 -3.92 13.09
N LEU E 25 -24.94 -5.09 12.69
CA LEU E 25 -24.74 -5.55 11.31
C LEU E 25 -25.21 -4.53 10.30
N LYS E 26 -26.42 -4.01 10.48
CA LYS E 26 -26.99 -3.05 9.55
C LYS E 26 -26.13 -1.78 9.47
N LYS E 27 -25.64 -1.31 10.62
CA LYS E 27 -24.81 -0.08 10.61
C LYS E 27 -23.47 -0.32 9.92
N SER E 28 -22.87 -1.48 10.18
CA SER E 28 -21.63 -1.84 9.53
C SER E 28 -21.81 -2.03 8.05
N LEU E 29 -22.93 -2.62 7.64
CA LEU E 29 -23.19 -2.69 6.21
C LEU E 29 -23.32 -1.30 5.59
N TYR E 30 -24.02 -0.36 6.25
CA TYR E 30 -24.10 1.00 5.72
C TYR E 30 -22.69 1.59 5.56
N ALA E 31 -21.86 1.35 6.56
CA ALA E 31 -20.50 1.90 6.55
C ALA E 31 -19.73 1.51 5.28
N ILE E 32 -19.91 0.29 4.79
CA ILE E 32 -19.09 -0.14 3.65
C ILE E 32 -19.80 0.04 2.32
N PHE E 33 -21.12 0.05 2.34
CA PHE E 33 -21.89 0.16 1.10
C PHE E 33 -22.33 1.56 0.67
N SER E 34 -22.28 2.53 1.59
CA SER E 34 -22.78 3.84 1.25
C SER E 34 -21.94 4.57 0.19
N GLN E 35 -20.68 4.15 0.04
CA GLN E 35 -19.81 4.71 -0.98
C GLN E 35 -20.40 4.55 -2.38
N PHE E 36 -21.27 3.55 -2.55
CA PHE E 36 -21.78 3.26 -3.89
C PHE E 36 -22.93 4.12 -4.37
N GLY E 37 -23.57 4.80 -3.42
CA GLY E 37 -24.65 5.73 -3.72
C GLY E 37 -25.68 5.74 -2.60
N GLN E 38 -26.78 6.47 -2.85
CA GLN E 38 -27.83 6.58 -1.86
C GLN E 38 -28.45 5.22 -1.53
N ILE E 39 -28.52 4.91 -0.24
CA ILE E 39 -29.15 3.68 0.24
C ILE E 39 -30.51 4.08 0.80
N LEU E 40 -31.55 3.40 0.32
CA LEU E 40 -32.93 3.61 0.84
C LEU E 40 -33.19 2.85 2.14
N ASP E 41 -32.69 1.61 2.24
CA ASP E 41 -32.91 0.81 3.42
C ASP E 41 -32.01 -0.40 3.40
N ILE E 42 -31.87 -1.02 4.57
CA ILE E 42 -31.11 -2.28 4.72
C ILE E 42 -31.97 -3.17 5.59
N VAL E 43 -32.12 -4.43 5.17
CA VAL E 43 -32.91 -5.43 5.87
C VAL E 43 -31.98 -6.52 6.29
N ALA E 44 -31.97 -6.83 7.57
CA ALA E 44 -31.22 -7.98 8.05
C ALA E 44 -32.21 -9.04 8.52
N LEU E 45 -32.06 -10.25 8.01
CA LEU E 45 -32.96 -11.36 8.33
C LEU E 45 -32.54 -12.08 9.60
N LYS E 46 -33.50 -12.64 10.32
CA LYS E 46 -33.15 -13.59 11.36
C LYS E 46 -33.09 -14.94 10.68
N THR E 47 -34.23 -15.32 10.11
CA THR E 47 -34.46 -16.63 9.51
C THR E 47 -33.83 -16.81 8.13
N GLY E 52 -27.11 -16.25 7.75
CA GLY E 52 -26.64 -14.85 7.79
C GLY E 52 -26.93 -14.07 6.51
N GLN E 53 -28.10 -13.42 6.44
CA GLN E 53 -28.60 -12.82 5.20
C GLN E 53 -29.04 -11.39 5.37
N ALA E 54 -28.86 -10.56 4.32
CA ALA E 54 -29.30 -9.17 4.34
C ALA E 54 -29.61 -8.69 2.95
N PHE E 55 -30.40 -7.62 2.85
CA PHE E 55 -30.59 -6.94 1.58
C PHE E 55 -30.24 -5.46 1.75
N VAL E 56 -29.58 -4.91 0.74
CA VAL E 56 -29.27 -3.48 0.71
C VAL E 56 -30.01 -2.89 -0.47
N ILE E 57 -30.97 -2.00 -0.20
CA ILE E 57 -31.74 -1.36 -1.26
C ILE E 57 -31.15 0.00 -1.62
N PHE E 58 -30.53 0.08 -2.78
CA PHE E 58 -30.05 1.37 -3.26
C PHE E 58 -31.14 2.15 -3.99
N LYS E 59 -31.00 3.47 -4.05
CA LYS E 59 -31.88 4.31 -4.86
C LYS E 59 -31.69 4.02 -6.35
N GLU E 60 -30.44 3.89 -6.76
CA GLU E 60 -30.14 3.74 -8.17
C GLU E 60 -29.56 2.35 -8.42
N ILE E 61 -29.97 1.73 -9.52
CA ILE E 61 -29.51 0.36 -9.78
C ILE E 61 -28.03 0.33 -10.21
N GLY E 62 -27.54 1.46 -10.72
CA GLY E 62 -26.13 1.59 -11.03
C GLY E 62 -25.28 1.51 -9.78
N SER E 63 -25.83 1.96 -8.67
CA SER E 63 -25.17 1.82 -7.36
C SER E 63 -25.06 0.34 -6.97
N ALA E 64 -26.18 -0.39 -7.08
CA ALA E 64 -26.19 -1.84 -6.83
C ALA E 64 -25.15 -2.59 -7.68
N SER E 65 -25.05 -2.26 -8.96
CA SER E 65 -24.10 -2.94 -9.84
CA SER E 65 -24.11 -2.95 -9.84
C SER E 65 -22.66 -2.69 -9.43
N ASN E 66 -22.35 -1.45 -9.07
CA ASN E 66 -21.00 -1.11 -8.59
C ASN E 66 -20.67 -1.82 -7.27
N ALA E 67 -21.66 -1.91 -6.40
CA ALA E 67 -21.48 -2.61 -5.15
C ALA E 67 -21.17 -4.09 -5.38
N LEU E 68 -21.93 -4.72 -6.25
CA LEU E 68 -21.74 -6.13 -6.59
C LEU E 68 -20.41 -6.35 -7.29
N ARG E 69 -20.02 -5.40 -8.13
CA ARG E 69 -18.77 -5.51 -8.93
C ARG E 69 -17.54 -5.48 -8.05
N THR E 70 -17.66 -4.82 -6.92
CA THR E 70 -16.45 -4.60 -6.13
C THR E 70 -16.37 -5.40 -4.82
N MET E 71 -17.51 -5.55 -4.14
CA MET E 71 -17.51 -6.07 -2.80
C MET E 71 -17.68 -7.58 -2.70
N GLN E 72 -17.80 -8.26 -3.84
CA GLN E 72 -17.96 -9.69 -3.84
C GLN E 72 -16.74 -10.29 -3.11
N GLY E 73 -16.98 -11.20 -2.16
CA GLY E 73 -15.91 -11.84 -1.40
C GLY E 73 -15.38 -11.09 -0.21
N PHE E 74 -15.75 -9.82 -0.10
CA PHE E 74 -15.10 -8.94 0.89
C PHE E 74 -15.20 -9.53 2.31
N PRO E 75 -14.05 -9.76 3.00
CA PRO E 75 -14.13 -10.36 4.34
C PRO E 75 -14.64 -9.35 5.36
N PHE E 76 -15.88 -9.56 5.77
CA PHE E 76 -16.64 -8.64 6.61
C PHE E 76 -16.86 -9.40 7.92
N TYR E 77 -16.43 -8.85 9.06
CA TYR E 77 -16.36 -9.61 10.30
C TYR E 77 -15.67 -10.95 10.02
N ASP E 78 -14.60 -10.85 9.26
CA ASP E 78 -13.74 -12.01 8.97
C ASP E 78 -14.45 -13.15 8.22
N LYS E 79 -15.44 -12.83 7.41
CA LYS E 79 -16.14 -13.82 6.61
C LYS E 79 -16.43 -13.24 5.21
N PRO E 80 -16.07 -13.96 4.14
CA PRO E 80 -16.23 -13.35 2.80
C PRO E 80 -17.68 -13.21 2.38
N MET E 81 -18.16 -12.00 2.09
CA MET E 81 -19.55 -11.82 1.69
C MET E 81 -19.84 -12.46 0.33
N GLN E 82 -21.05 -12.97 0.15
CA GLN E 82 -21.50 -13.36 -1.18
C GLN E 82 -22.62 -12.39 -1.55
N ILE E 83 -22.53 -11.83 -2.74
CA ILE E 83 -23.49 -10.81 -3.14
C ILE E 83 -24.12 -11.22 -4.45
N ALA E 84 -25.44 -11.01 -4.56
CA ALA E 84 -26.16 -11.17 -5.81
C ALA E 84 -27.17 -10.05 -5.94
N TYR E 85 -27.63 -9.84 -7.17
CA TYR E 85 -28.84 -9.05 -7.41
C TYR E 85 -30.02 -9.73 -6.79
N SER E 86 -30.86 -8.98 -6.12
CA SER E 86 -32.12 -9.54 -5.65
CA SER E 86 -32.12 -9.53 -5.64
C SER E 86 -32.94 -10.02 -6.84
N LYS E 87 -33.77 -11.02 -6.62
CA LYS E 87 -34.67 -11.50 -7.69
C LYS E 87 -35.98 -10.73 -7.70
N SER E 88 -36.68 -10.75 -8.82
CA SER E 88 -38.02 -10.17 -8.88
C SER E 88 -39.03 -10.86 -7.94
N ASP E 89 -40.15 -10.17 -7.70
CA ASP E 89 -41.29 -10.79 -7.00
C ASP E 89 -41.78 -11.99 -7.82
N SER E 90 -42.29 -13.02 -7.14
CA SER E 90 -42.73 -14.23 -7.86
C SER E 90 -43.85 -15.00 -7.15
N MET F 5 17.59 -1.11 17.08
CA MET F 5 18.19 -1.91 16.01
C MET F 5 18.50 -1.11 14.74
N LEU F 6 19.79 -0.96 14.43
CA LEU F 6 20.27 -0.25 13.24
C LEU F 6 19.90 -1.00 11.95
N PRO F 7 19.41 -0.29 10.92
CA PRO F 7 19.17 -1.03 9.69
C PRO F 7 20.46 -1.64 9.14
N ASN F 8 20.33 -2.77 8.47
CA ASN F 8 21.42 -3.27 7.63
C ASN F 8 20.84 -3.87 6.37
N GLN F 9 21.71 -4.35 5.48
CA GLN F 9 21.26 -4.70 4.15
C GLN F 9 20.60 -6.09 4.00
N THR F 10 20.61 -6.85 5.08
CA THR F 10 20.04 -8.20 5.06
C THR F 10 18.76 -8.29 5.90
N ILE F 11 17.68 -8.74 5.28
CA ILE F 11 16.50 -9.06 6.04
C ILE F 11 16.39 -10.54 6.30
N TYR F 12 16.00 -10.84 7.53
CA TYR F 12 15.77 -12.20 8.01
C TYR F 12 14.27 -12.43 7.94
N ILE F 13 13.83 -13.47 7.25
CA ILE F 13 12.39 -13.76 7.11
C ILE F 13 12.10 -15.10 7.76
N ASN F 14 11.08 -15.15 8.61
CA ASN F 14 10.66 -16.43 9.14
C ASN F 14 9.16 -16.59 9.06
N ASN F 15 8.65 -17.70 9.60
CA ASN F 15 7.28 -18.11 9.34
C ASN F 15 7.02 -18.42 7.88
N LEU F 16 8.04 -18.88 7.13
CA LEU F 16 7.80 -19.33 5.77
C LEU F 16 7.19 -20.73 5.74
N ASN F 17 6.44 -21.00 4.68
CA ASN F 17 5.79 -22.29 4.47
C ASN F 17 6.84 -23.39 4.25
N GLU F 18 6.88 -24.36 5.17
CA GLU F 18 7.95 -25.37 5.20
C GLU F 18 7.73 -26.47 4.17
N LYS F 19 6.58 -26.44 3.49
CA LYS F 19 6.32 -27.44 2.48
C LYS F 19 6.94 -27.10 1.15
N ILE F 20 7.42 -25.86 0.99
CA ILE F 20 8.00 -25.44 -0.30
C ILE F 20 9.47 -25.79 -0.41
N LYS F 21 9.81 -26.43 -1.51
CA LYS F 21 11.20 -26.77 -1.80
C LYS F 21 12.07 -25.52 -1.88
N LYS F 22 13.34 -25.61 -1.47
CA LYS F 22 14.12 -24.38 -1.33
C LYS F 22 14.36 -23.68 -2.65
N GLU F 23 14.57 -24.42 -3.74
CA GLU F 23 14.86 -23.70 -4.99
C GLU F 23 13.68 -22.86 -5.41
N GLU F 24 12.47 -23.42 -5.30
CA GLU F 24 11.27 -22.68 -5.65
C GLU F 24 11.06 -21.52 -4.69
N LEU F 25 11.28 -21.79 -3.40
CA LEU F 25 11.11 -20.75 -2.39
C LEU F 25 11.97 -19.52 -2.72
N LYS F 26 13.25 -19.77 -3.04
CA LYS F 26 14.15 -18.67 -3.39
C LYS F 26 13.73 -17.90 -4.64
N LYS F 27 13.27 -18.58 -5.68
CA LYS F 27 12.72 -17.89 -6.86
C LYS F 27 11.47 -17.06 -6.55
N SER F 28 10.55 -17.63 -5.78
CA SER F 28 9.35 -16.89 -5.43
C SER F 28 9.70 -15.67 -4.54
N LEU F 29 10.69 -15.80 -3.67
CA LEU F 29 11.13 -14.65 -2.86
C LEU F 29 11.74 -13.56 -3.73
N TYR F 30 12.58 -13.95 -4.70
CA TYR F 30 13.09 -12.95 -5.61
C TYR F 30 11.93 -12.24 -6.36
N ALA F 31 10.88 -13.00 -6.77
CA ALA F 31 9.80 -12.42 -7.54
C ALA F 31 9.16 -11.23 -6.77
N ILE F 32 9.05 -11.37 -5.45
CA ILE F 32 8.37 -10.35 -4.66
C ILE F 32 9.32 -9.31 -4.06
N PHE F 33 10.58 -9.66 -3.85
CA PHE F 33 11.51 -8.70 -3.23
C PHE F 33 12.37 -7.93 -4.23
N SER F 34 12.42 -8.33 -5.49
CA SER F 34 13.28 -7.61 -6.43
C SER F 34 12.85 -6.17 -6.66
N GLN F 35 11.56 -5.86 -6.45
CA GLN F 35 11.08 -4.45 -6.58
C GLN F 35 11.81 -3.47 -5.70
N PHE F 36 12.40 -3.94 -4.60
CA PHE F 36 12.98 -3.00 -3.63
C PHE F 36 14.39 -2.53 -3.96
N GLY F 37 15.02 -3.16 -4.93
CA GLY F 37 16.36 -2.77 -5.35
C GLY F 37 17.18 -4.02 -5.65
N GLN F 38 18.43 -3.82 -6.02
CA GLN F 38 19.29 -4.93 -6.39
C GLN F 38 19.48 -5.87 -5.21
N ILE F 39 19.32 -7.17 -5.48
CA ILE F 39 19.55 -8.24 -4.52
C ILE F 39 20.88 -8.91 -4.83
N LEU F 40 21.74 -8.99 -3.82
CA LEU F 40 23.02 -9.73 -3.99
C LEU F 40 22.79 -11.24 -4.02
N ASP F 41 21.97 -11.74 -3.10
CA ASP F 41 21.66 -13.16 -3.06
C ASP F 41 20.54 -13.41 -2.04
N ILE F 42 19.99 -14.63 -2.11
CA ILE F 42 18.99 -15.09 -1.16
C ILE F 42 19.50 -16.40 -0.60
N VAL F 43 19.51 -16.52 0.72
CA VAL F 43 19.99 -17.75 1.39
C VAL F 43 18.83 -18.47 2.06
N ALA F 44 18.66 -19.73 1.73
CA ALA F 44 17.61 -20.57 2.35
C ALA F 44 18.15 -21.98 2.43
N LEU F 45 18.84 -22.28 3.53
CA LEU F 45 19.56 -23.55 3.67
C LEU F 45 18.65 -24.70 4.05
N LYS F 46 19.03 -25.92 3.64
CA LYS F 46 18.34 -27.16 3.99
C LYS F 46 18.92 -27.70 5.30
N THR F 47 18.84 -26.91 6.33
CA THR F 47 19.23 -27.30 7.66
C THR F 47 18.01 -27.17 8.57
N LEU F 48 18.01 -27.93 9.66
CA LEU F 48 16.96 -27.78 10.65
C LEU F 48 16.92 -26.36 11.20
N LYS F 49 18.11 -25.81 11.46
CA LYS F 49 18.29 -24.46 12.00
C LYS F 49 17.60 -23.42 11.14
N MET F 50 17.56 -23.64 9.82
CA MET F 50 16.96 -22.65 8.93
C MET F 50 15.58 -23.04 8.37
N ARG F 51 14.92 -24.05 8.96
CA ARG F 51 13.62 -24.46 8.50
C ARG F 51 12.64 -23.27 8.63
N GLY F 52 11.88 -23.00 7.57
CA GLY F 52 10.92 -21.90 7.55
C GLY F 52 11.53 -20.51 7.61
N GLN F 53 12.81 -20.40 7.26
CA GLN F 53 13.53 -19.14 7.32
C GLN F 53 14.33 -18.88 6.03
N ALA F 54 14.56 -17.60 5.73
CA ALA F 54 15.42 -17.20 4.62
C ALA F 54 16.03 -15.83 4.90
N PHE F 55 17.15 -15.51 4.25
CA PHE F 55 17.78 -14.20 4.32
C PHE F 55 17.80 -13.62 2.90
N VAL F 56 17.42 -12.35 2.76
CA VAL F 56 17.53 -11.68 1.49
C VAL F 56 18.57 -10.59 1.69
N ILE F 57 19.68 -10.67 0.95
CA ILE F 57 20.74 -9.71 1.12
C ILE F 57 20.64 -8.68 -0.02
N PHE F 58 20.30 -7.43 0.32
CA PHE F 58 20.23 -6.37 -0.66
C PHE F 58 21.60 -5.73 -0.87
N LYS F 59 21.79 -5.13 -2.03
CA LYS F 59 23.01 -4.34 -2.23
C LYS F 59 23.07 -3.07 -1.34
N GLU F 60 21.92 -2.42 -1.15
CA GLU F 60 21.79 -1.15 -0.40
C GLU F 60 20.99 -1.34 0.89
N ILE F 61 21.43 -0.74 2.00
CA ILE F 61 20.66 -0.79 3.24
C ILE F 61 19.25 -0.19 3.05
N GLY F 62 19.12 0.93 2.33
CA GLY F 62 17.81 1.54 2.14
C GLY F 62 16.82 0.53 1.49
N SER F 63 17.29 -0.33 0.57
CA SER F 63 16.39 -1.29 -0.07
C SER F 63 15.85 -2.25 0.97
N ALA F 64 16.71 -2.69 1.87
CA ALA F 64 16.27 -3.61 2.95
C ALA F 64 15.23 -2.90 3.81
N SER F 65 15.45 -1.63 4.14
CA SER F 65 14.46 -0.91 4.94
C SER F 65 13.12 -0.80 4.24
N ASN F 66 13.15 -0.50 2.94
CA ASN F 66 11.89 -0.40 2.22
C ASN F 66 11.19 -1.77 2.08
N ALA F 67 11.97 -2.83 1.89
CA ALA F 67 11.42 -4.20 1.78
C ALA F 67 10.72 -4.59 3.08
N LEU F 68 11.41 -4.34 4.19
CA LEU F 68 10.92 -4.69 5.50
C LEU F 68 9.57 -4.01 5.79
N ARG F 69 9.48 -2.70 5.58
CA ARG F 69 8.25 -2.00 5.86
CA ARG F 69 8.26 -1.99 5.85
C ARG F 69 7.10 -2.49 4.95
N THR F 70 7.41 -2.68 3.67
CA THR F 70 6.37 -2.92 2.69
C THR F 70 5.85 -4.36 2.82
N MET F 71 6.72 -5.33 3.13
CA MET F 71 6.31 -6.72 3.02
C MET F 71 6.03 -7.38 4.37
N GLN F 72 6.10 -6.62 5.45
CA GLN F 72 5.83 -7.17 6.76
C GLN F 72 4.43 -7.79 6.77
N GLY F 73 4.33 -9.05 7.16
CA GLY F 73 3.02 -9.69 7.31
C GLY F 73 2.50 -10.30 5.98
N PHE F 74 3.16 -10.06 4.83
CA PHE F 74 2.55 -10.40 3.52
C PHE F 74 2.31 -11.90 3.43
N PRO F 75 1.04 -12.36 3.14
CA PRO F 75 0.73 -13.81 3.09
C PRO F 75 1.35 -14.43 1.84
N PHE F 76 2.36 -15.30 2.04
CA PHE F 76 3.19 -15.82 1.00
C PHE F 76 3.04 -17.32 1.14
N TYR F 77 2.64 -17.99 0.05
CA TYR F 77 2.19 -19.38 0.18
C TYR F 77 1.19 -19.51 1.35
N ASP F 78 0.28 -18.54 1.44
CA ASP F 78 -0.80 -18.56 2.42
C ASP F 78 -0.30 -18.53 3.90
N LYS F 79 0.87 -17.92 4.13
CA LYS F 79 1.38 -17.71 5.49
C LYS F 79 2.01 -16.31 5.58
N PRO F 80 1.64 -15.54 6.61
CA PRO F 80 2.16 -14.16 6.73
C PRO F 80 3.66 -14.15 7.07
N MET F 81 4.46 -13.54 6.21
CA MET F 81 5.91 -13.41 6.45
C MET F 81 6.19 -12.57 7.71
N GLN F 82 7.17 -12.99 8.50
CA GLN F 82 7.67 -12.18 9.61
CA GLN F 82 7.65 -12.16 9.59
C GLN F 82 9.05 -11.71 9.22
N ILE F 83 9.28 -10.40 9.22
CA ILE F 83 10.56 -9.88 8.69
C ILE F 83 11.24 -9.02 9.74
N ALA F 84 12.54 -9.15 9.83
CA ALA F 84 13.37 -8.28 10.67
C ALA F 84 14.71 -8.01 10.03
N TYR F 85 15.35 -6.93 10.43
CA TYR F 85 16.76 -6.78 10.06
C TYR F 85 17.54 -7.92 10.68
N SER F 86 18.55 -8.43 9.97
CA SER F 86 19.43 -9.44 10.54
CA SER F 86 19.42 -9.44 10.56
CA SER F 86 19.40 -9.45 10.57
C SER F 86 20.17 -8.88 11.77
N LYS F 87 20.38 -9.72 12.78
CA LYS F 87 21.05 -9.27 14.00
C LYS F 87 22.56 -9.45 13.90
N SER F 88 22.97 -10.42 13.09
CA SER F 88 24.40 -10.68 12.90
C SER F 88 24.55 -11.38 11.57
N ASP F 89 25.75 -11.30 10.98
CA ASP F 89 26.00 -11.96 9.70
C ASP F 89 26.66 -13.31 9.94
N SER F 90 26.06 -14.37 9.39
CA SER F 90 26.75 -15.64 9.33
C SER F 90 27.95 -15.45 8.41
N ASP F 91 28.89 -16.40 8.38
CA ASP F 91 30.01 -16.35 7.44
C ASP F 91 29.51 -16.29 5.99
N ILE F 92 28.42 -16.99 5.69
CA ILE F 92 27.89 -17.00 4.33
C ILE F 92 27.44 -15.60 3.93
N VAL F 93 26.72 -14.94 4.81
CA VAL F 93 26.24 -13.61 4.48
C VAL F 93 27.41 -12.61 4.40
N ALA F 94 28.41 -12.77 5.27
CA ALA F 94 29.59 -11.90 5.24
C ALA F 94 30.30 -12.03 3.89
N LYS F 95 30.45 -13.26 3.41
CA LYS F 95 31.09 -13.46 2.12
C LYS F 95 30.25 -12.90 0.98
N ILE F 96 28.92 -13.02 1.07
CA ILE F 96 28.08 -12.46 0.03
C ILE F 96 28.21 -10.94 -0.03
N LYS F 97 28.31 -10.29 1.13
CA LYS F 97 28.43 -8.83 1.19
C LYS F 97 29.78 -8.32 0.75
N GLY F 98 30.82 -9.14 0.93
CA GLY F 98 32.20 -8.74 0.74
C GLY F 98 32.63 -8.48 -0.69
#